data_8ENI
#
_entry.id   8ENI
#
_cell.length_a   94.240
_cell.length_b   94.240
_cell.length_c   131.190
_cell.angle_alpha   90.000
_cell.angle_beta   90.000
_cell.angle_gamma   90.000
#
_symmetry.space_group_name_H-M   'P 42 21 2'
#
loop_
_entity.id
_entity.type
_entity.pdbx_description
1 polymer 'Bifunctional ligase/repressor BirA'
2 non-polymer 3-[4-(5-fluoro-4-{5-[(3aS,4S,6aR)-2-oxohexahydro-1H-thieno[3,4-d]imidazol-4-yl]pentyl}-1H-1,2,3-triazol-1-yl)butyl]-5-methyl-1,3-benzoxazol-2(3H)-one
3 water water
#
_entity_poly.entity_id   1
_entity_poly.type   'polypeptide(L)'
_entity_poly.pdbx_seq_one_letter_code
;MSKYSQDVLQLLYKNKPNYISGQSIAESLNISRTAVKKVIDQLKLEGCKIDSVNHKGHLLQQLPDIWYQGIIDQYTKSSA
LFDFSEVYDSIDSTQLAAKKSLVGNQSSFFILSDEQTKGRGRFNRHWSSSKGQGLWMSVVLRPNVAFSMISKFNLFIALG
IRDAIQHFSQDEVKVKWPNDIYIDNGKVCGFLTEMVANNDGIEAIICGIGINLTQQLENFDESIRHRATSIQLHDKNKLD
RYQFLERLLQEIEKRYNQFLTLPFSEIREEYIAASNIWNRTLLFTENDKQFKGQAIDLDYDGYLIVRDEAGESHRLISAD
IDFHHHHHH
;
_entity_poly.pdbx_strand_id   A
#
loop_
_chem_comp.id
_chem_comp.type
_chem_comp.name
_chem_comp.formula
WNE non-polymer 3-[4-(5-fluoro-4-{5-[(3aS,4S,6aR)-2-oxohexahydro-1H-thieno[3,4-d]imidazol-4-yl]pentyl}-1H-1,2,3-triazol-1-yl)butyl]-5-methyl-1,3-benzoxazol-2(3H)-one 'C24 H31 F N6 O3 S'
#
# COMPACT_ATOMS: atom_id res chain seq x y z
N SER A 2 -19.57 18.31 0.75
CA SER A 2 -19.84 19.70 0.37
C SER A 2 -18.72 20.19 -0.56
N LYS A 3 -18.97 21.28 -1.27
CA LYS A 3 -17.95 21.77 -2.21
C LYS A 3 -16.66 22.13 -1.49
N TYR A 4 -16.75 22.58 -0.24
CA TYR A 4 -15.60 23.09 0.50
C TYR A 4 -15.17 22.18 1.63
N SER A 5 -15.75 20.99 1.75
CA SER A 5 -15.40 20.11 2.86
C SER A 5 -13.91 19.78 2.81
N GLN A 6 -13.40 19.43 1.63
CA GLN A 6 -11.98 19.09 1.52
C GLN A 6 -11.09 20.29 1.81
N ASP A 7 -11.45 21.48 1.31
CA ASP A 7 -10.62 22.65 1.62
C ASP A 7 -10.57 22.92 3.12
N VAL A 8 -11.72 22.79 3.80
CA VAL A 8 -11.70 23.03 5.23
C VAL A 8 -10.89 21.98 5.94
N LEU A 9 -11.11 20.71 5.58
CA LEU A 9 -10.33 19.62 6.16
C LEU A 9 -8.84 19.84 5.95
N GLN A 10 -8.46 20.30 4.77
CA GLN A 10 -7.02 20.52 4.46
C GLN A 10 -6.49 21.63 5.36
N LEU A 11 -7.25 22.72 5.52
CA LEU A 11 -6.82 23.78 6.44
C LEU A 11 -6.65 23.26 7.87
N LEU A 12 -7.61 22.45 8.35
CA LEU A 12 -7.49 21.89 9.70
C LEU A 12 -6.25 21.02 9.83
N TYR A 13 -5.97 20.19 8.81
CA TYR A 13 -4.81 19.29 8.87
C TYR A 13 -3.52 20.10 8.84
N LYS A 14 -3.45 21.08 7.94
CA LYS A 14 -2.28 21.94 7.83
C LYS A 14 -1.98 22.63 9.14
N ASN A 15 -2.99 22.90 9.95
CA ASN A 15 -2.73 23.74 11.11
C ASN A 15 -2.45 23.00 12.39
N LYS A 16 -2.61 21.67 12.42
CA LYS A 16 -2.15 20.96 13.59
C LYS A 16 -0.71 21.40 13.85
N PRO A 17 -0.30 21.59 15.10
CA PRO A 17 -1.11 21.38 16.34
C PRO A 17 -1.82 22.60 16.86
N ASN A 18 -2.10 23.61 16.06
CA ASN A 18 -2.76 24.83 16.54
C ASN A 18 -4.25 24.82 16.18
N TYR A 19 -5.03 25.54 16.97
CA TYR A 19 -6.44 25.76 16.64
C TYR A 19 -6.53 26.87 15.60
N ILE A 20 -7.49 26.76 14.68
CA ILE A 20 -7.68 27.79 13.67
C ILE A 20 -9.12 28.31 13.81
N SER A 21 -9.29 29.62 13.77
CA SER A 21 -10.61 30.15 14.03
C SER A 21 -11.51 29.98 12.81
N GLY A 22 -12.82 29.93 13.06
CA GLY A 22 -13.77 29.84 11.94
C GLY A 22 -13.61 31.00 10.98
N GLN A 23 -13.26 32.17 11.51
CA GLN A 23 -13.13 33.38 10.68
C GLN A 23 -11.95 33.21 9.73
N SER A 24 -10.84 32.68 10.23
CA SER A 24 -9.64 32.44 9.38
C SER A 24 -10.01 31.47 8.26
N ILE A 25 -10.80 30.43 8.55
CA ILE A 25 -11.23 29.55 7.48
C ILE A 25 -12.13 30.29 6.50
N ALA A 26 -13.09 31.05 7.04
CA ALA A 26 -14.01 31.81 6.19
C ALA A 26 -13.26 32.74 5.24
N GLU A 27 -12.27 33.48 5.76
CA GLU A 27 -11.51 34.39 4.90
C GLU A 27 -10.66 33.61 3.91
N SER A 28 -10.06 32.51 4.35
CA SER A 28 -9.22 31.72 3.46
C SER A 28 -10.01 31.20 2.27
N LEU A 29 -11.28 30.83 2.48
CA LEU A 29 -12.09 30.21 1.44
C LEU A 29 -13.14 31.18 0.87
N ASN A 30 -13.22 32.40 1.39
CA ASN A 30 -14.20 33.37 0.91
C ASN A 30 -15.62 32.84 1.02
N ILE A 31 -15.97 32.32 2.19
CA ILE A 31 -17.32 31.91 2.50
C ILE A 31 -17.65 32.43 3.89
N SER A 32 -18.92 32.33 4.25
CA SER A 32 -19.42 32.84 5.52
C SER A 32 -19.01 31.96 6.70
N ARG A 33 -19.03 32.56 7.91
CA ARG A 33 -18.89 31.77 9.13
C ARG A 33 -19.90 30.64 9.19
N THR A 34 -21.12 30.90 8.74
CA THR A 34 -22.14 29.89 8.89
C THR A 34 -21.96 28.73 7.93
N ALA A 35 -21.35 28.96 6.77
CA ALA A 35 -21.04 27.81 5.94
C ALA A 35 -19.86 27.03 6.49
N VAL A 36 -18.91 27.72 7.14
CA VAL A 36 -17.83 27.00 7.78
C VAL A 36 -18.38 26.12 8.89
N LYS A 37 -19.24 26.69 9.76
CA LYS A 37 -19.81 25.89 10.82
C LYS A 37 -20.55 24.68 10.26
N LYS A 38 -21.34 24.84 9.21
CA LYS A 38 -22.04 23.69 8.64
C LYS A 38 -21.09 22.64 8.11
N VAL A 39 -20.02 23.06 7.43
CA VAL A 39 -19.06 22.09 6.93
C VAL A 39 -18.44 21.33 8.10
N ILE A 40 -18.16 22.04 9.20
CA ILE A 40 -17.45 21.41 10.30
C ILE A 40 -18.37 20.43 10.99
N ASP A 41 -19.65 20.81 11.14
CA ASP A 41 -20.62 19.86 11.65
C ASP A 41 -20.67 18.60 10.79
N GLN A 42 -20.65 18.75 9.47
CA GLN A 42 -20.71 17.54 8.65
C GLN A 42 -19.47 16.70 8.80
N LEU A 43 -18.30 17.33 8.86
CA LEU A 43 -17.07 16.59 9.12
C LEU A 43 -17.16 15.81 10.43
N LYS A 44 -17.66 16.45 11.49
CA LYS A 44 -17.81 15.71 12.74
C LYS A 44 -18.78 14.56 12.56
N LEU A 45 -19.84 14.78 11.77
CA LEU A 45 -20.81 13.72 11.52
C LEU A 45 -20.20 12.53 10.77
N GLU A 46 -19.29 12.79 9.85
CA GLU A 46 -18.61 11.71 9.15
C GLU A 46 -17.55 11.04 10.01
N GLY A 47 -17.32 11.50 11.23
CA GLY A 47 -16.39 10.84 12.12
C GLY A 47 -15.08 11.58 12.31
N CYS A 48 -14.96 12.81 11.83
CA CYS A 48 -13.84 13.66 12.19
C CYS A 48 -13.95 14.01 13.67
N LYS A 49 -12.89 13.73 14.40
CA LYS A 49 -12.77 14.16 15.78
C LYS A 49 -12.18 15.57 15.73
N ILE A 50 -13.04 16.58 15.95
CA ILE A 50 -12.67 18.00 15.88
C ILE A 50 -13.03 18.76 17.17
N ASP A 51 -12.03 19.32 17.84
CA ASP A 51 -12.28 20.10 19.05
C ASP A 51 -12.58 21.55 18.68
N SER A 52 -13.73 22.04 19.13
CA SER A 52 -14.13 23.42 18.86
C SER A 52 -14.17 24.18 20.18
N VAL A 53 -13.61 25.38 20.19
CA VAL A 53 -13.44 26.13 21.44
C VAL A 53 -13.79 27.57 21.13
N ASN A 54 -14.75 28.11 21.89
CA ASN A 54 -15.17 29.48 21.73
C ASN A 54 -13.97 30.41 21.77
N HIS A 55 -13.97 31.40 20.89
CA HIS A 55 -12.94 32.43 20.80
C HIS A 55 -11.60 31.92 20.33
N LYS A 56 -11.43 30.62 20.12
CA LYS A 56 -10.13 30.06 19.77
C LYS A 56 -10.17 29.38 18.41
N GLY A 57 -11.19 28.55 18.17
CA GLY A 57 -11.42 27.92 16.87
C GLY A 57 -11.39 26.39 16.94
N HIS A 58 -10.84 25.77 15.89
CA HIS A 58 -10.99 24.35 15.65
C HIS A 58 -9.65 23.65 15.51
N LEU A 59 -9.57 22.47 16.11
CA LEU A 59 -8.38 21.63 16.04
C LEU A 59 -8.82 20.25 15.56
N LEU A 60 -8.31 19.80 14.43
CA LEU A 60 -8.55 18.43 14.01
C LEU A 60 -7.74 17.48 14.88
N GLN A 61 -8.42 16.57 15.58
CA GLN A 61 -7.73 15.61 16.44
C GLN A 61 -7.63 14.23 15.82
N GLN A 62 -8.58 13.84 14.98
CA GLN A 62 -8.52 12.46 14.52
C GLN A 62 -9.43 12.29 13.32
N LEU A 63 -9.00 11.53 12.39
CA LEU A 63 -9.71 11.26 11.17
C LEU A 63 -10.38 9.89 11.22
N PRO A 64 -11.50 9.71 10.53
CA PRO A 64 -12.15 8.39 10.52
C PRO A 64 -11.44 7.49 9.51
N ASP A 65 -11.91 6.23 9.44
CA ASP A 65 -11.38 5.24 8.51
C ASP A 65 -11.94 5.43 7.10
N ILE A 66 -11.77 6.65 6.59
CA ILE A 66 -12.19 7.10 5.27
C ILE A 66 -11.04 7.90 4.66
N TRP A 67 -10.76 7.69 3.37
CA TRP A 67 -9.74 8.46 2.67
C TRP A 67 -10.30 9.80 2.18
N TYR A 68 -9.57 10.88 2.47
CA TYR A 68 -9.96 12.24 2.09
C TYR A 68 -8.92 12.83 1.15
N GLN A 69 -9.37 13.26 -0.02
CA GLN A 69 -8.45 13.81 -1.00
C GLN A 69 -7.66 14.97 -0.42
N GLY A 70 -8.29 15.83 0.38
CA GLY A 70 -7.62 17.01 0.90
C GLY A 70 -6.45 16.71 1.82
N ILE A 71 -6.51 15.62 2.55
CA ILE A 71 -5.38 15.20 3.38
C ILE A 71 -4.26 14.63 2.49
N ILE A 72 -4.63 13.73 1.57
CA ILE A 72 -3.63 13.09 0.74
C ILE A 72 -2.90 14.15 -0.09
N ASP A 73 -3.60 15.23 -0.45
CA ASP A 73 -2.95 16.34 -1.14
C ASP A 73 -1.77 16.90 -0.34
N GLN A 74 -1.90 16.95 0.98
CA GLN A 74 -0.76 17.39 1.81
C GLN A 74 0.35 16.34 1.74
N TYR A 75 0.01 15.06 1.60
CA TYR A 75 1.06 14.05 1.46
C TYR A 75 1.83 14.21 0.14
N THR A 76 1.13 14.51 -0.96
CA THR A 76 1.85 14.63 -2.23
C THR A 76 2.54 15.99 -2.39
N LYS A 77 2.00 17.03 -1.75
CA LYS A 77 2.60 18.35 -1.81
C LYS A 77 4.03 18.32 -1.30
N SER A 78 4.29 17.63 -0.20
CA SER A 78 5.64 17.57 0.34
C SER A 78 6.44 16.37 -0.16
N SER A 79 5.95 15.62 -1.14
CA SER A 79 6.69 14.47 -1.64
C SER A 79 7.62 14.84 -2.78
N ALA A 80 8.89 14.46 -2.63
CA ALA A 80 9.83 14.53 -3.74
C ALA A 80 9.57 13.46 -4.80
N LEU A 81 8.77 12.45 -4.49
CA LEU A 81 8.57 11.37 -5.43
C LEU A 81 7.27 11.53 -6.23
N PHE A 82 6.14 11.79 -5.56
CA PHE A 82 4.82 11.70 -6.18
C PHE A 82 4.35 13.10 -6.56
N ASP A 83 3.86 13.23 -7.80
CA ASP A 83 3.35 14.49 -8.30
C ASP A 83 1.92 14.73 -7.81
N PHE A 84 1.08 13.69 -7.78
CA PHE A 84 -0.28 13.81 -7.32
C PHE A 84 -0.79 12.42 -6.92
N SER A 85 -1.98 12.42 -6.32
CA SER A 85 -2.74 11.22 -6.07
C SER A 85 -4.17 11.43 -6.54
N GLU A 86 -4.86 10.32 -6.78
CA GLU A 86 -6.32 10.32 -6.96
C GLU A 86 -6.91 9.44 -5.88
N VAL A 87 -7.94 9.94 -5.21
CA VAL A 87 -8.51 9.27 -4.06
C VAL A 87 -9.99 9.06 -4.35
N TYR A 88 -10.47 7.83 -4.14
CA TYR A 88 -11.83 7.44 -4.46
C TYR A 88 -12.46 6.74 -3.28
N ASP A 89 -13.77 6.91 -3.15
CA ASP A 89 -14.54 6.10 -2.23
C ASP A 89 -14.74 4.70 -2.77
N SER A 90 -14.92 4.56 -4.08
CA SER A 90 -15.18 3.27 -4.69
C SER A 90 -14.77 3.31 -6.15
N ILE A 91 -14.11 2.25 -6.64
CA ILE A 91 -13.86 2.09 -8.07
C ILE A 91 -13.78 0.60 -8.40
N ASP A 92 -13.70 0.30 -9.69
CA ASP A 92 -13.51 -1.08 -10.06
C ASP A 92 -12.13 -1.59 -9.57
N SER A 93 -11.06 -0.85 -9.86
CA SER A 93 -9.73 -1.25 -9.40
C SER A 93 -8.76 -0.06 -9.49
N THR A 94 -7.96 0.15 -8.42
CA THR A 94 -6.91 1.16 -8.49
C THR A 94 -5.91 0.86 -9.59
N GLN A 95 -5.72 -0.41 -9.93
CA GLN A 95 -4.74 -0.81 -10.93
C GLN A 95 -5.25 -0.53 -12.35
N LEU A 96 -6.53 -0.80 -12.63
CA LEU A 96 -7.13 -0.34 -13.87
C LEU A 96 -7.00 1.17 -14.02
N ALA A 97 -7.34 1.91 -12.96
CA ALA A 97 -7.29 3.37 -13.01
C ALA A 97 -5.86 3.84 -13.27
N ALA A 98 -4.90 3.30 -12.52
CA ALA A 98 -3.51 3.68 -12.73
C ALA A 98 -3.08 3.41 -14.16
N LYS A 99 -3.44 2.25 -14.72
CA LYS A 99 -2.97 1.95 -16.07
C LYS A 99 -3.56 2.90 -17.08
N LYS A 100 -4.78 3.41 -16.83
CA LYS A 100 -5.36 4.42 -17.70
C LYS A 100 -4.73 5.78 -17.48
N SER A 101 -4.56 6.20 -16.21
CA SER A 101 -4.05 7.54 -15.91
C SER A 101 -2.59 7.75 -16.29
N LEU A 102 -1.80 6.69 -16.46
CA LEU A 102 -0.39 6.88 -16.80
C LEU A 102 -0.20 7.14 -18.28
N VAL A 103 -1.19 6.82 -19.11
CA VAL A 103 -1.00 6.92 -20.55
C VAL A 103 -0.84 8.38 -20.93
N GLY A 104 0.20 8.68 -21.71
CA GLY A 104 0.39 9.98 -22.29
C GLY A 104 1.08 11.02 -21.44
N ASN A 105 1.64 10.65 -20.28
CA ASN A 105 2.38 11.59 -19.42
C ASN A 105 3.51 10.82 -18.73
N GLN A 106 4.43 11.56 -18.08
CA GLN A 106 5.51 10.96 -17.29
C GLN A 106 5.38 11.29 -15.81
N SER A 107 4.15 11.44 -15.32
CA SER A 107 3.92 11.78 -13.93
C SER A 107 4.08 10.54 -13.06
N SER A 108 4.57 10.73 -11.85
CA SER A 108 4.58 9.70 -10.82
C SER A 108 3.47 10.04 -9.85
N PHE A 109 2.67 9.04 -9.50
CA PHE A 109 1.47 9.34 -8.74
C PHE A 109 0.96 8.08 -8.08
N PHE A 110 -0.02 8.24 -7.22
CA PHE A 110 -0.67 7.03 -6.72
C PHE A 110 -2.18 7.21 -6.63
N ILE A 111 -2.86 6.08 -6.62
CA ILE A 111 -4.31 6.00 -6.61
C ILE A 111 -4.74 5.16 -5.41
N LEU A 112 -5.66 5.71 -4.59
CA LEU A 112 -6.21 5.07 -3.40
C LEU A 112 -7.71 4.95 -3.50
N SER A 113 -8.25 3.81 -3.06
CA SER A 113 -9.70 3.69 -2.95
C SER A 113 -10.12 2.98 -1.68
N ASP A 114 -11.14 3.50 -0.99
CA ASP A 114 -11.64 2.82 0.19
C ASP A 114 -12.15 1.42 -0.16
N GLU A 115 -12.67 1.26 -1.38
CA GLU A 115 -13.30 0.02 -1.84
C GLU A 115 -12.96 -0.22 -3.30
N GLN A 116 -12.80 -1.49 -3.67
CA GLN A 116 -12.72 -1.90 -5.07
C GLN A 116 -13.85 -2.88 -5.36
N THR A 117 -14.56 -2.69 -6.47
CA THR A 117 -15.60 -3.65 -6.83
C THR A 117 -15.07 -4.73 -7.74
N LYS A 118 -13.90 -4.53 -8.32
CA LYS A 118 -13.31 -5.51 -9.21
C LYS A 118 -11.81 -5.65 -8.97
N GLY A 119 -11.43 -5.77 -7.70
CA GLY A 119 -10.02 -6.00 -7.39
C GLY A 119 -9.52 -7.31 -7.96
N ARG A 120 -8.33 -7.27 -8.54
CA ARG A 120 -7.73 -8.42 -9.21
C ARG A 120 -6.28 -8.60 -8.78
N GLY A 121 -5.91 -9.82 -8.44
CA GLY A 121 -4.53 -10.10 -8.12
C GLY A 121 -3.79 -10.71 -9.29
N ARG A 122 -2.84 -11.58 -8.96
CA ARG A 122 -2.10 -12.29 -9.99
C ARG A 122 -3.03 -13.29 -10.65
N PHE A 123 -2.76 -13.55 -11.91
CA PHE A 123 -3.49 -14.52 -12.70
C PHE A 123 -4.99 -14.20 -12.73
N ASN A 124 -5.35 -12.90 -12.64
CA ASN A 124 -6.77 -12.47 -12.68
C ASN A 124 -7.61 -13.00 -11.52
N ARG A 125 -6.99 -13.34 -10.41
CA ARG A 125 -7.69 -13.80 -9.23
C ARG A 125 -8.47 -12.69 -8.53
N HIS A 126 -9.59 -13.05 -7.91
CA HIS A 126 -10.45 -12.13 -7.17
C HIS A 126 -9.81 -11.63 -5.90
N TRP A 127 -9.80 -10.32 -5.66
CA TRP A 127 -9.38 -9.79 -4.34
C TRP A 127 -10.49 -8.83 -3.87
N SER A 129 -12.06 -6.70 -1.48
CA SER A 129 -11.55 -5.32 -1.30
C SER A 129 -12.60 -4.48 -0.59
N SER A 130 -12.90 -4.81 0.66
CA SER A 130 -14.01 -4.16 1.42
C SER A 130 -13.73 -2.72 1.84
N LYS A 131 -14.78 -1.92 1.93
CA LYS A 131 -14.65 -0.51 2.36
C LYS A 131 -14.39 -0.43 3.86
N GLY A 132 -13.39 0.34 4.26
CA GLY A 132 -13.16 0.58 5.69
C GLY A 132 -12.16 -0.36 6.32
N GLN A 133 -11.75 -1.41 5.62
CA GLN A 133 -10.89 -2.40 6.31
C GLN A 133 -9.53 -2.56 5.65
N GLY A 134 -9.27 -1.92 4.51
CA GLY A 134 -7.98 -2.18 3.92
C GLY A 134 -7.50 -1.01 3.08
N LEU A 135 -6.21 -1.06 2.83
CA LEU A 135 -5.52 -0.14 1.95
C LEU A 135 -5.39 -0.75 0.55
N TRP A 136 -6.11 -0.17 -0.39
CA TRP A 136 -6.12 -0.56 -1.80
C TRP A 136 -5.50 0.56 -2.63
N MET A 137 -4.30 0.31 -3.15
CA MET A 137 -3.46 1.36 -3.69
C MET A 137 -2.68 0.85 -4.89
N SER A 138 -2.52 1.72 -5.89
CA SER A 138 -1.63 1.47 -7.01
C SER A 138 -0.67 2.64 -7.13
N VAL A 139 0.62 2.34 -7.31
CA VAL A 139 1.69 3.33 -7.36
C VAL A 139 2.27 3.31 -8.77
N VAL A 140 2.41 4.48 -9.40
CA VAL A 140 2.98 4.57 -10.75
C VAL A 140 4.29 5.32 -10.62
N LEU A 141 5.38 4.71 -11.08
CA LEU A 141 6.71 5.30 -10.99
C LEU A 141 7.41 5.23 -12.35
N ARG A 142 8.49 6.00 -12.49
CA ARG A 142 9.14 6.20 -13.79
C ARG A 142 10.64 5.95 -13.73
N PRO A 143 11.04 4.72 -13.42
CA PRO A 143 12.47 4.39 -13.41
C PRO A 143 13.04 4.37 -14.82
N ASN A 144 14.19 5.01 -15.00
CA ASN A 144 14.86 4.99 -16.30
C ASN A 144 15.76 3.76 -16.38
N VAL A 145 15.15 2.62 -16.68
CA VAL A 145 15.85 1.34 -16.67
C VAL A 145 15.24 0.40 -17.72
N ALA A 146 15.96 -0.69 -18.02
CA ALA A 146 15.50 -1.73 -18.94
C ALA A 146 14.33 -2.52 -18.35
N PHE A 147 13.55 -3.16 -19.22
CA PHE A 147 12.34 -3.82 -18.72
C PHE A 147 12.67 -5.06 -17.90
N SER A 148 13.84 -5.68 -18.13
CA SER A 148 14.24 -6.81 -17.32
C SER A 148 14.38 -6.45 -15.84
N MET A 149 14.50 -5.17 -15.51
CA MET A 149 14.60 -4.75 -14.11
C MET A 149 13.30 -4.90 -13.33
N ILE A 150 12.16 -5.23 -13.96
CA ILE A 150 10.93 -5.35 -13.18
C ILE A 150 11.10 -6.31 -12.00
N SER A 151 11.80 -7.41 -12.21
CA SER A 151 11.89 -8.42 -11.16
C SER A 151 12.60 -7.86 -9.94
N LYS A 152 13.66 -7.09 -10.16
CA LYS A 152 14.38 -6.57 -9.02
C LYS A 152 13.54 -5.51 -8.30
N PHE A 153 12.76 -4.72 -9.06
CA PHE A 153 11.87 -3.78 -8.40
C PHE A 153 10.98 -4.51 -7.41
N ASN A 154 10.39 -5.60 -7.87
CA ASN A 154 9.51 -6.39 -7.03
C ASN A 154 10.18 -6.79 -5.71
N LEU A 155 11.48 -7.12 -5.74
CA LEU A 155 12.15 -7.54 -4.51
C LEU A 155 12.37 -6.37 -3.57
N PHE A 156 12.79 -5.22 -4.11
CA PHE A 156 13.05 -4.06 -3.25
C PHE A 156 11.77 -3.60 -2.55
N ILE A 157 10.69 -3.51 -3.33
CA ILE A 157 9.45 -2.97 -2.77
C ILE A 157 8.92 -3.86 -1.68
N ALA A 158 9.12 -5.21 -1.81
CA ALA A 158 8.68 -6.09 -0.73
C ALA A 158 9.22 -5.66 0.62
N LEU A 159 10.51 -5.32 0.67
CA LEU A 159 11.06 -4.97 1.97
C LEU A 159 10.48 -3.67 2.49
N GLY A 160 10.17 -2.73 1.60
CA GLY A 160 9.59 -1.50 2.09
C GLY A 160 8.20 -1.75 2.65
N ILE A 161 7.38 -2.50 1.91
CA ILE A 161 6.07 -2.81 2.47
C ILE A 161 6.19 -3.55 3.80
N ARG A 162 7.11 -4.52 3.88
CA ARG A 162 7.24 -5.27 5.12
C ARG A 162 7.61 -4.36 6.28
N ASP A 163 8.60 -3.48 6.06
CA ASP A 163 9.00 -2.55 7.11
C ASP A 163 7.83 -1.69 7.57
N ALA A 164 7.03 -1.19 6.63
CA ALA A 164 5.94 -0.32 7.04
C ALA A 164 4.96 -1.06 7.90
N ILE A 165 4.60 -2.28 7.49
CA ILE A 165 3.71 -3.07 8.32
C ILE A 165 4.38 -3.39 9.64
N GLN A 166 5.66 -3.75 9.60
CA GLN A 166 6.33 -4.12 10.85
C GLN A 166 6.31 -2.99 11.84
N HIS A 167 6.25 -1.74 11.36
CA HIS A 167 6.27 -0.67 12.34
C HIS A 167 5.04 -0.68 13.25
N PHE A 168 3.95 -1.30 12.81
CA PHE A 168 2.70 -1.30 13.57
C PHE A 168 2.35 -2.64 14.17
N SER A 169 3.10 -3.69 13.86
CA SER A 169 2.81 -5.02 14.38
C SER A 169 3.81 -5.39 15.45
N GLN A 170 3.30 -5.80 16.61
CA GLN A 170 4.14 -6.36 17.65
C GLN A 170 4.65 -7.75 17.32
N ASP A 171 4.17 -8.37 16.24
CA ASP A 171 4.56 -9.72 15.86
C ASP A 171 5.39 -9.66 14.58
N GLU A 172 6.25 -10.66 14.40
CA GLU A 172 7.17 -10.68 13.28
C GLU A 172 6.44 -10.71 11.93
N VAL A 173 6.89 -9.86 11.01
CA VAL A 173 6.28 -9.74 9.69
C VAL A 173 7.25 -10.28 8.66
N LYS A 174 6.79 -11.19 7.81
CA LYS A 174 7.68 -11.87 6.88
C LYS A 174 7.19 -11.74 5.45
N VAL A 175 8.12 -11.89 4.52
CA VAL A 175 7.81 -11.85 3.10
C VAL A 175 7.73 -13.28 2.59
N LYS A 176 6.67 -13.59 1.84
CA LYS A 176 6.59 -14.80 1.05
C LYS A 176 6.89 -14.39 -0.40
N TRP A 177 8.05 -14.83 -0.88
CA TRP A 177 8.47 -14.56 -2.24
C TRP A 177 7.51 -15.19 -3.23
N PRO A 178 7.15 -14.47 -4.30
CA PRO A 178 7.58 -13.10 -4.56
C PRO A 178 6.55 -11.99 -4.27
N ASN A 179 5.38 -12.30 -3.71
CA ASN A 179 4.28 -11.35 -3.81
C ASN A 179 3.38 -11.22 -2.58
N ASP A 180 3.74 -11.75 -1.41
CA ASP A 180 2.81 -11.63 -0.30
C ASP A 180 3.55 -11.33 1.00
N ILE A 181 2.80 -10.83 1.98
CA ILE A 181 3.33 -10.51 3.30
C ILE A 181 2.48 -11.23 4.35
N TYR A 182 3.13 -11.79 5.37
CA TYR A 182 2.47 -12.64 6.37
C TYR A 182 2.82 -12.13 7.76
N ILE A 183 1.89 -12.33 8.68
CA ILE A 183 2.19 -12.07 10.12
C ILE A 183 1.77 -13.36 10.83
N ASP A 184 2.73 -14.23 11.15
CA ASP A 184 2.47 -15.51 11.87
C ASP A 184 1.41 -16.34 11.16
N ASN A 185 1.67 -16.80 9.93
CA ASN A 185 0.76 -17.71 9.17
C ASN A 185 -0.46 -16.99 8.60
N GLY A 186 -0.60 -15.69 8.81
CA GLY A 186 -1.73 -14.94 8.26
C GLY A 186 -1.31 -14.02 7.14
N LYS A 187 -1.90 -14.19 5.95
CA LYS A 187 -1.56 -13.29 4.85
C LYS A 187 -2.16 -11.91 5.13
N VAL A 188 -1.30 -10.91 5.34
CA VAL A 188 -1.77 -9.56 5.59
C VAL A 188 -1.68 -8.64 4.37
N CYS A 189 -0.92 -9.00 3.34
CA CYS A 189 -0.75 -8.15 2.17
C CYS A 189 -0.40 -8.92 0.89
N GLY A 190 -1.02 -8.51 -0.21
CA GLY A 190 -0.59 -8.91 -1.55
C GLY A 190 -0.22 -7.72 -2.41
N PHE A 191 0.86 -7.85 -3.19
CA PHE A 191 1.23 -6.79 -4.13
C PHE A 191 1.65 -7.41 -5.47
N LEU A 192 1.52 -6.64 -6.56
CA LEU A 192 2.06 -7.14 -7.81
C LEU A 192 2.58 -5.97 -8.63
N THR A 193 3.76 -6.18 -9.21
CA THR A 193 4.46 -5.18 -10.00
C THR A 193 4.19 -5.43 -11.47
N GLU A 194 3.65 -4.43 -12.18
CA GLU A 194 3.45 -4.59 -13.60
C GLU A 194 4.17 -3.46 -14.33
N MET A 195 4.33 -3.57 -15.64
CA MET A 195 5.05 -2.50 -16.31
C MET A 195 4.47 -2.30 -17.67
N VAL A 196 4.67 -1.09 -18.17
CA VAL A 196 4.58 -0.77 -19.59
C VAL A 196 6.00 -0.53 -20.09
N ALA A 197 6.38 -1.14 -21.21
CA ALA A 197 7.79 -1.08 -21.60
C ALA A 197 7.90 -1.34 -23.10
N ASN A 198 9.07 -0.99 -23.65
CA ASN A 198 9.44 -1.43 -24.96
C ASN A 198 10.92 -1.83 -24.90
N ASN A 199 11.49 -2.13 -26.05
CA ASN A 199 12.87 -2.58 -26.01
C ASN A 199 13.83 -1.49 -25.57
N ASP A 200 13.46 -0.22 -25.71
CA ASP A 200 14.30 0.87 -25.29
C ASP A 200 14.17 1.17 -23.80
N GLY A 201 13.19 0.63 -23.12
CA GLY A 201 13.15 0.84 -21.68
C GLY A 201 11.73 0.84 -21.15
N ILE A 202 11.64 1.08 -19.85
CA ILE A 202 10.37 1.07 -19.15
C ILE A 202 9.70 2.43 -19.26
N GLU A 203 8.40 2.43 -19.59
CA GLU A 203 7.59 3.64 -19.62
C GLU A 203 6.94 3.85 -18.25
N ALA A 204 6.51 2.79 -17.56
CA ALA A 204 6.00 2.97 -16.20
C ALA A 204 6.09 1.67 -15.41
N ILE A 205 6.32 1.79 -14.11
CA ILE A 205 6.08 0.70 -13.17
C ILE A 205 4.72 1.01 -12.54
N ILE A 206 3.85 -0.01 -12.47
CA ILE A 206 2.59 0.07 -11.73
C ILE A 206 2.61 -1.01 -10.67
N CYS A 207 2.76 -0.61 -9.42
CA CYS A 207 2.78 -1.53 -8.30
C CYS A 207 1.44 -1.50 -7.55
N GLY A 208 0.69 -2.59 -7.61
CA GLY A 208 -0.57 -2.71 -6.92
C GLY A 208 -0.41 -3.37 -5.57
N ILE A 209 -0.88 -2.70 -4.52
CA ILE A 209 -0.63 -3.06 -3.13
C ILE A 209 -1.97 -3.12 -2.40
N GLY A 210 -2.28 -4.29 -1.83
CA GLY A 210 -3.49 -4.49 -1.05
C GLY A 210 -3.13 -4.97 0.35
N ILE A 211 -3.53 -4.22 1.38
CA ILE A 211 -3.13 -4.51 2.75
C ILE A 211 -4.34 -4.58 3.68
N ASN A 212 -4.54 -5.73 4.35
CA ASN A 212 -5.60 -5.82 5.34
C ASN A 212 -5.20 -5.03 6.57
N LEU A 213 -5.96 -3.97 6.88
CA LEU A 213 -5.68 -3.06 7.99
C LEU A 213 -6.44 -3.35 9.28
N THR A 214 -7.78 -3.37 9.24
CA THR A 214 -8.57 -3.42 10.47
C THR A 214 -9.61 -4.53 10.54
N GLN A 215 -9.48 -5.55 9.70
CA GLN A 215 -10.47 -6.64 9.70
C GLN A 215 -10.34 -7.44 10.99
N GLN A 216 -11.47 -7.78 11.61
CA GLN A 216 -11.41 -8.73 12.75
C GLN A 216 -11.60 -10.12 12.13
N LEU A 217 -11.24 -11.19 12.84
CA LEU A 217 -11.31 -12.53 12.22
C LEU A 217 -12.73 -12.78 11.69
N GLU A 218 -13.74 -12.26 12.39
CA GLU A 218 -15.11 -12.44 11.92
C GLU A 218 -15.32 -11.89 10.52
N ASN A 219 -14.50 -10.93 10.09
CA ASN A 219 -14.65 -10.31 8.78
C ASN A 219 -14.00 -11.10 7.65
N PHE A 220 -13.39 -12.25 7.93
CA PHE A 220 -12.88 -13.11 6.86
C PHE A 220 -13.78 -14.31 6.66
N ASP A 221 -13.92 -14.71 5.40
CA ASP A 221 -14.63 -15.95 5.09
C ASP A 221 -14.13 -17.07 6.00
N GLU A 222 -15.04 -17.97 6.36
CA GLU A 222 -14.65 -19.04 7.26
C GLU A 222 -13.63 -19.99 6.62
N SER A 223 -13.57 -20.03 5.30
CA SER A 223 -12.61 -20.86 4.56
C SER A 223 -11.17 -20.38 4.67
N ILE A 224 -10.95 -19.07 4.84
CA ILE A 224 -9.60 -18.50 4.85
C ILE A 224 -9.18 -17.94 6.20
N ARG A 225 -10.06 -17.98 7.19
CA ARG A 225 -9.76 -17.33 8.50
C ARG A 225 -8.40 -17.75 9.03
N HIS A 226 -8.07 -19.05 8.95
CA HIS A 226 -6.83 -19.50 9.57
C HIS A 226 -5.59 -19.04 8.83
N ARG A 227 -5.71 -18.57 7.59
CA ARG A 227 -4.51 -18.16 6.86
C ARG A 227 -4.54 -16.67 6.52
N ALA A 228 -5.37 -15.88 7.18
CA ALA A 228 -5.54 -14.48 6.82
C ALA A 228 -5.50 -13.63 8.09
N THR A 229 -4.99 -12.42 7.94
CA THR A 229 -4.90 -11.54 9.10
C THR A 229 -4.88 -10.10 8.65
N SER A 230 -4.99 -9.20 9.63
CA SER A 230 -4.95 -7.76 9.40
C SER A 230 -3.94 -7.16 10.35
N ILE A 231 -3.48 -5.95 10.03
CA ILE A 231 -2.55 -5.26 10.92
C ILE A 231 -3.17 -5.07 12.30
N GLN A 232 -4.45 -4.71 12.35
CA GLN A 232 -5.08 -4.42 13.64
C GLN A 232 -4.98 -5.61 14.59
N LEU A 233 -5.09 -6.83 14.07
CA LEU A 233 -5.00 -8.02 14.93
C LEU A 233 -3.63 -8.23 15.56
N HIS A 234 -2.65 -7.37 15.28
CA HIS A 234 -1.32 -7.51 15.85
C HIS A 234 -0.80 -6.17 16.39
N ASP A 235 -1.71 -5.26 16.73
CA ASP A 235 -1.39 -3.92 17.19
C ASP A 235 -2.26 -3.63 18.41
N LYS A 236 -1.63 -3.51 19.59
CA LYS A 236 -2.39 -3.22 20.81
C LYS A 236 -3.06 -1.85 20.74
N ASN A 237 -2.60 -0.99 19.84
CA ASN A 237 -3.15 0.34 19.67
C ASN A 237 -4.02 0.39 18.42
N LYS A 238 -5.00 1.28 18.46
CA LYS A 238 -5.80 1.54 17.28
C LYS A 238 -4.87 1.81 16.12
N LEU A 239 -5.07 1.09 15.03
CA LEU A 239 -4.31 1.34 13.84
C LEU A 239 -4.93 2.55 13.15
N ASP A 240 -4.16 3.64 13.04
CA ASP A 240 -4.62 4.83 12.33
C ASP A 240 -4.16 4.76 10.88
N ARG A 241 -5.12 4.72 9.94
CA ARG A 241 -4.77 4.45 8.54
C ARG A 241 -3.92 5.56 7.92
N TYR A 242 -4.08 6.80 8.36
CA TYR A 242 -3.26 7.90 7.83
C TYR A 242 -1.81 7.81 8.30
N GLN A 243 -1.61 7.59 9.59
CA GLN A 243 -0.25 7.33 10.08
C GLN A 243 0.37 6.17 9.31
N PHE A 244 -0.40 5.11 9.08
CA PHE A 244 0.16 3.96 8.38
C PHE A 244 0.53 4.34 6.95
N LEU A 245 -0.38 5.00 6.23
CA LEU A 245 -0.08 5.40 4.86
C LEU A 245 1.18 6.26 4.77
N GLU A 246 1.30 7.26 5.65
CA GLU A 246 2.52 8.07 5.69
C GLU A 246 3.75 7.19 5.79
N ARG A 247 3.72 6.23 6.70
CA ARG A 247 4.86 5.35 6.85
C ARG A 247 5.10 4.49 5.61
N LEU A 248 4.02 4.02 5.00
CA LEU A 248 4.17 3.19 3.82
C LEU A 248 4.80 3.98 2.68
N LEU A 249 4.48 5.26 2.56
CA LEU A 249 5.04 6.03 1.45
C LEU A 249 6.49 6.38 1.69
N GLN A 250 6.84 6.75 2.92
CA GLN A 250 8.28 6.89 3.24
C GLN A 250 9.02 5.62 2.84
N GLU A 251 8.54 4.45 3.26
CA GLU A 251 9.30 3.23 2.98
C GLU A 251 9.32 2.91 1.48
N ILE A 252 8.24 3.21 0.77
CA ILE A 252 8.25 2.96 -0.68
C ILE A 252 9.33 3.81 -1.33
N GLU A 253 9.39 5.09 -0.95
CA GLU A 253 10.43 5.96 -1.50
C GLU A 253 11.84 5.48 -1.14
N LYS A 254 12.05 5.08 0.11
CA LYS A 254 13.39 4.60 0.53
C LYS A 254 13.80 3.42 -0.34
N ARG A 255 12.90 2.47 -0.54
CA ARG A 255 13.26 1.27 -1.29
C ARG A 255 13.32 1.53 -2.79
N TYR A 256 12.55 2.49 -3.29
CA TYR A 256 12.68 2.83 -4.68
C TYR A 256 14.04 3.44 -4.97
N ASN A 257 14.51 4.35 -4.10
CA ASN A 257 15.83 4.89 -4.29
C ASN A 257 16.91 3.84 -4.14
N GLN A 258 16.67 2.84 -3.28
CA GLN A 258 17.64 1.74 -3.22
C GLN A 258 17.63 0.97 -4.52
N PHE A 259 16.44 0.65 -5.04
CA PHE A 259 16.32 -0.03 -6.32
C PHE A 259 17.06 0.70 -7.41
N LEU A 260 17.00 2.04 -7.40
CA LEU A 260 17.67 2.80 -8.45
C LEU A 260 19.16 2.85 -8.26
N THR A 261 19.67 2.58 -7.07
CA THR A 261 21.08 2.83 -6.79
C THR A 261 21.85 1.58 -6.39
N LEU A 262 21.19 0.51 -5.94
CA LEU A 262 21.94 -0.61 -5.43
C LEU A 262 21.67 -1.87 -6.25
N PRO A 263 22.68 -2.72 -6.46
CA PRO A 263 22.41 -4.07 -6.98
C PRO A 263 21.64 -4.88 -5.95
N PHE A 264 20.85 -5.84 -6.42
CA PHE A 264 20.12 -6.68 -5.47
C PHE A 264 21.04 -7.42 -4.50
N SER A 265 22.26 -7.72 -4.90
CA SER A 265 23.13 -8.43 -3.96
C SER A 265 23.32 -7.68 -2.64
N GLU A 266 23.09 -6.35 -2.63
CA GLU A 266 23.25 -5.56 -1.42
C GLU A 266 22.10 -5.65 -0.43
N ILE A 267 20.93 -6.13 -0.84
CA ILE A 267 19.81 -6.37 0.07
C ILE A 267 19.43 -7.84 0.15
N ARG A 268 20.17 -8.71 -0.54
CA ARG A 268 19.80 -10.12 -0.60
C ARG A 268 19.79 -10.75 0.79
N GLU A 269 20.77 -10.44 1.62
CA GLU A 269 20.77 -11.03 2.95
C GLU A 269 19.61 -10.55 3.80
N GLU A 270 19.34 -9.26 3.79
CA GLU A 270 18.15 -8.82 4.49
C GLU A 270 16.90 -9.52 3.98
N TYR A 271 16.76 -9.63 2.65
CA TYR A 271 15.58 -10.29 2.09
C TYR A 271 15.47 -11.73 2.59
N ILE A 272 16.57 -12.47 2.55
CA ILE A 272 16.51 -13.86 2.95
C ILE A 272 16.06 -13.95 4.40
N ALA A 273 16.62 -13.10 5.27
CA ALA A 273 16.25 -13.14 6.69
C ALA A 273 14.81 -12.68 6.95
N ALA A 274 14.19 -12.01 5.99
CA ALA A 274 12.82 -11.56 6.17
C ALA A 274 11.80 -12.51 5.55
N SER A 275 12.24 -13.63 5.01
CA SER A 275 11.36 -14.53 4.28
C SER A 275 10.96 -15.71 5.15
N ASN A 276 9.78 -16.26 4.86
CA ASN A 276 9.20 -17.35 5.62
C ASN A 276 9.01 -18.60 4.77
N ILE A 277 9.76 -18.70 3.67
CA ILE A 277 9.62 -19.81 2.74
C ILE A 277 10.65 -20.91 2.96
N TRP A 278 11.52 -20.79 3.97
CA TRP A 278 12.61 -21.74 4.15
C TRP A 278 12.18 -22.90 5.03
N ASN A 279 12.89 -24.00 4.86
CA ASN A 279 12.83 -25.14 5.73
C ASN A 279 11.40 -25.66 5.83
N ARG A 280 10.71 -25.72 4.71
CA ARG A 280 9.37 -26.22 4.67
C ARG A 280 9.03 -26.69 3.25
N THR A 281 8.07 -27.61 3.18
CA THR A 281 7.59 -28.04 1.87
C THR A 281 6.68 -26.99 1.26
N LEU A 282 6.97 -26.63 0.02
CA LEU A 282 6.24 -25.63 -0.72
C LEU A 282 5.59 -26.33 -1.90
N LEU A 283 4.41 -25.85 -2.30
CA LEU A 283 3.71 -26.39 -3.45
C LEU A 283 3.82 -25.36 -4.55
N PHE A 284 4.33 -25.78 -5.70
CA PHE A 284 4.50 -24.91 -6.84
C PHE A 284 3.47 -25.27 -7.88
N THR A 285 2.85 -24.24 -8.44
CA THR A 285 1.94 -24.39 -9.57
C THR A 285 2.49 -23.66 -10.78
N GLU A 286 2.48 -24.33 -11.92
CA GLU A 286 3.13 -23.79 -13.11
C GLU A 286 2.28 -24.22 -14.30
N ASN A 287 1.31 -23.38 -14.67
CA ASN A 287 0.35 -23.70 -15.71
C ASN A 287 -0.38 -24.99 -15.33
N ASP A 288 -0.23 -26.06 -16.08
CA ASP A 288 -0.98 -27.27 -15.82
C ASP A 288 -0.23 -28.24 -14.92
N LYS A 289 1.00 -27.91 -14.49
CA LYS A 289 1.76 -28.87 -13.70
C LYS A 289 1.97 -28.34 -12.28
N GLN A 290 1.88 -29.23 -11.29
CA GLN A 290 2.19 -28.89 -9.90
C GLN A 290 3.20 -29.88 -9.34
N PHE A 291 4.11 -29.36 -8.51
CA PHE A 291 5.11 -30.17 -7.83
C PHE A 291 5.43 -29.55 -6.48
N LYS A 292 5.98 -30.37 -5.59
CA LYS A 292 6.42 -29.95 -4.27
C LYS A 292 7.93 -29.76 -4.25
N GLY A 293 8.39 -28.88 -3.38
CA GLY A 293 9.82 -28.64 -3.33
C GLY A 293 10.26 -27.82 -2.14
N GLN A 294 11.58 -27.60 -2.07
CA GLN A 294 12.20 -26.80 -1.03
C GLN A 294 13.00 -25.62 -1.59
N ALA A 295 12.85 -24.47 -0.93
CA ALA A 295 13.61 -23.29 -1.26
C ALA A 295 15.02 -23.42 -0.68
N ILE A 296 16.02 -23.44 -1.55
CA ILE A 296 17.42 -23.61 -1.17
C ILE A 296 18.09 -22.26 -0.99
N ASP A 297 17.77 -21.30 -1.86
CA ASP A 297 18.46 -20.03 -1.88
C ASP A 297 17.69 -19.03 -2.73
N LEU A 298 18.04 -17.75 -2.54
CA LEU A 298 17.62 -16.68 -3.41
C LEU A 298 18.93 -16.10 -3.90
N ASP A 299 19.18 -16.14 -5.21
CA ASP A 299 20.53 -15.83 -5.64
C ASP A 299 20.73 -14.33 -5.86
N TYR A 300 21.92 -13.97 -6.32
CA TYR A 300 22.31 -12.58 -6.51
C TYR A 300 21.44 -11.84 -7.52
N ASP A 301 20.71 -12.56 -8.36
CA ASP A 301 19.83 -11.96 -9.37
C ASP A 301 18.37 -11.98 -8.98
N GLY A 302 18.04 -12.44 -7.78
CA GLY A 302 16.66 -12.54 -7.36
C GLY A 302 15.96 -13.80 -7.79
N TYR A 303 16.68 -14.79 -8.33
CA TYR A 303 16.05 -16.06 -8.67
C TYR A 303 15.97 -16.98 -7.44
N LEU A 304 14.82 -17.63 -7.28
CA LEU A 304 14.69 -18.62 -6.21
C LEU A 304 15.29 -19.92 -6.70
N ILE A 305 16.21 -20.48 -5.91
CA ILE A 305 16.80 -21.78 -6.16
C ILE A 305 15.99 -22.84 -5.41
N VAL A 306 15.42 -23.79 -6.14
CA VAL A 306 14.52 -24.79 -5.59
C VAL A 306 15.07 -26.19 -5.87
N ARG A 307 15.06 -27.05 -4.85
CA ARG A 307 15.26 -28.48 -5.08
C ARG A 307 13.90 -29.15 -4.95
N ASP A 308 13.41 -29.75 -6.04
CA ASP A 308 12.06 -30.28 -5.95
C ASP A 308 12.06 -31.66 -5.31
N GLU A 309 10.85 -32.21 -5.17
CA GLU A 309 10.72 -33.51 -4.50
C GLU A 309 11.55 -34.58 -5.18
N ALA A 310 11.68 -34.53 -6.51
CA ALA A 310 12.42 -35.59 -7.22
C ALA A 310 13.94 -35.40 -7.21
N GLY A 311 14.43 -34.38 -6.49
CA GLY A 311 15.84 -34.03 -6.40
C GLY A 311 16.37 -33.15 -7.50
N GLU A 312 15.51 -32.62 -8.39
CA GLU A 312 15.96 -31.78 -9.49
C GLU A 312 15.92 -30.33 -9.07
N SER A 313 16.94 -29.57 -9.46
CA SER A 313 17.01 -28.17 -9.12
C SER A 313 16.32 -27.29 -10.18
N HIS A 314 15.71 -26.21 -9.72
CA HIS A 314 15.05 -25.23 -10.56
C HIS A 314 15.54 -23.86 -10.14
N ARG A 315 15.58 -22.93 -11.11
CA ARG A 315 15.95 -21.55 -10.84
C ARG A 315 14.84 -20.67 -11.42
N LEU A 316 14.08 -20.02 -10.54
CA LEU A 316 12.78 -19.45 -10.92
C LEU A 316 12.83 -17.95 -10.70
N ILE A 317 12.54 -17.18 -11.76
CA ILE A 317 12.44 -15.74 -11.56
C ILE A 317 11.20 -15.41 -10.73
N SER A 318 10.18 -16.24 -10.82
CA SER A 318 8.90 -16.08 -10.17
C SER A 318 8.24 -17.43 -10.03
N ALA A 319 7.28 -17.51 -9.12
CA ALA A 319 6.55 -18.73 -8.90
C ALA A 319 5.21 -18.45 -8.24
N ASP A 320 4.35 -19.46 -8.32
CA ASP A 320 3.05 -19.51 -7.67
C ASP A 320 3.12 -20.53 -6.52
N ILE A 321 3.33 -20.03 -5.29
CA ILE A 321 3.68 -20.83 -4.12
C ILE A 321 2.56 -20.92 -3.09
N ASP A 322 2.32 -22.13 -2.57
CA ASP A 322 1.42 -22.34 -1.44
C ASP A 322 2.12 -23.13 -0.34
N PHE A 323 1.74 -22.85 0.91
CA PHE A 323 2.34 -23.51 2.05
C PHE A 323 1.63 -24.87 2.24
N1 WNE B . -3.42 -13.13 -4.50
C7 WNE B . -6.69 -13.35 -3.01
C8 WNE B . -5.18 -13.31 -2.63
N2 WNE B . -3.44 -13.08 -5.85
C9 WNE B . -4.25 -14.04 -3.68
O1 WNE B . -8.75 -15.26 -1.18
C1 WNE B . -5.38 -11.89 1.93
C5 WNE B . -8.06 -14.66 -0.43
C6 WNE B . -7.62 -12.76 -1.89
N3 WNE B . -2.53 -12.15 -6.24
C4 WNE B . -6.93 -14.11 1.34
C3 WNE B . -6.35 -14.06 2.56
C2 WNE B . -5.57 -12.95 2.87
N4 WNE B . -5.80 -3.00 -7.35
N WNE B . -7.49 -13.52 -0.62
C WNE B . -4.52 -10.66 2.22
O WNE B . -7.74 -15.08 0.79
C10 WNE B . -1.95 -11.65 -5.18
C11 WNE B . -2.53 -12.26 -4.07
C12 WNE B . -0.92 -10.52 -5.25
C13 WNE B . -1.59 -9.28 -5.92
C14 WNE B . -2.91 -8.84 -5.19
C15 WNE B . -3.52 -7.50 -5.72
C16 WNE B . -3.06 -6.29 -4.89
C17 WNE B . -3.61 -4.83 -5.19
C18 WNE B . -5.00 -2.79 -5.08
C19 WNE B . -4.60 -3.02 -6.58
C20 WNE B . -6.01 -4.38 -7.86
C21 WNE B . -3.94 -4.41 -6.67
C22 WNE B . -6.79 -13.13 0.41
C23 WNE B . -6.03 -12.03 0.70
F WNE B . -2.21 -11.99 -2.78
N5 WNE B . -4.87 -5.21 -7.42
O2 WNE B . -6.92 -4.74 -8.50
S WNE B . -5.16 -4.44 -4.37
H8 WNE B . -6.98 -14.39 -3.21
H7 WNE B . -6.82 -12.81 -3.95
H10 WNE B . -4.89 -12.28 -2.48
H9 WNE B . -5.04 -13.77 -1.66
H12 WNE B . -3.55 -14.74 -3.23
H11 WNE B . -4.86 -14.66 -4.34
H5 WNE B . -8.66 -12.75 -2.21
H6 WNE B . -7.36 -11.70 -1.75
H4 WNE B . -6.50 -14.88 3.26
H3 WNE B . -5.08 -12.90 3.83
H27 WNE B . -6.44 -2.23 -7.46
H WNE B . -4.05 -10.70 3.18
H1 WNE B . -5.15 -9.77 2.20
H2 WNE B . -3.75 -10.56 1.47
H13 WNE B . -0.04 -10.86 -5.81
H14 WNE B . -0.58 -10.27 -4.25
H16 WNE B . -1.81 -9.48 -6.97
H15 WNE B . -0.90 -8.43 -5.93
H17 WNE B . -2.67 -8.75 -4.13
H18 WNE B . -3.66 -9.64 -5.26
H20 WNE B . -4.61 -7.51 -5.72
H19 WNE B . -3.22 -7.38 -6.76
H22 WNE B . -1.95 -6.29 -4.93
H21 WNE B . -3.29 -6.49 -3.84
H23 WNE B . -2.90 -4.14 -4.77
H24 WNE B . -4.23 -2.25 -4.53
H25 WNE B . -5.92 -2.24 -4.92
H26 WNE B . -3.94 -2.23 -6.95
H29 WNE B . -3.01 -4.40 -7.25
H30 WNE B . -5.91 -11.25 -0.05
H28 WNE B . -4.79 -6.16 -7.69
#